data_6HZD
#
_entry.id   6HZD
#
_cell.length_a   131.564
_cell.length_b   131.564
_cell.length_c   155.338
_cell.angle_alpha   90.00
_cell.angle_beta   90.00
_cell.angle_gamma   120.00
#
_symmetry.space_group_name_H-M   'P 65 2 2'
#
loop_
_entity.id
_entity.type
_entity.pdbx_description
1 polymer Furin
2 polymer ARG-ARG-ARG-LYS-ARG-00S
3 non-polymer 'CALCIUM ION'
4 non-polymer 'SODIUM ION'
5 non-polymer 'CHLORIDE ION'
6 non-polymer 'PHOSPHATE ION'
7 non-polymer 'DIMETHYL SULFOXIDE'
8 non-polymer PENTANEDIAL
9 water water
#
loop_
_entity_poly.entity_id
_entity_poly.type
_entity_poly.pdbx_seq_one_letter_code
_entity_poly.pdbx_strand_id
1 'polypeptide(L)'
;DVYQEPTDPKFPQQWYLSGVTQRDLNVKAAWAQGYTGHGIVVSILDDGIEKNHPDLAGNYDPGASFDVNDQDPDPQPRYT
QMNDNRHGTRCAGEVAAVANNGVCGVGVAYNARIGGVRMLDGEVTDAVEARSLGLNPNHIHIYSASWGPEDDGKTVDGPA
RLAEEAFFRGVSQGRGGLGSIFVWASGNGGREHDSCNCDGYTNSIYTLSISSATQFGNVPWYSEACSSTLATTYSSGNQN
EKQIVTTDLRQKCTESHTGTSASAPLAAGIIALTLEANKNLTWRDMQHLVVQTSKPAHLNANDWATNGVGRKVSHSYGYG
LLDAGAMVALAQNWTTVAPQRKCIIDILTEPKDIGKRLEVRKTVTACLGEPNHITRLEHAQARLTLSYNRRGDLAIHLVS
PMGTRSTLLAARPHDYSADGFNDWAFMTTHSWDEDPSGEWVLEIENTSEANNYGTLTKFTLVLYGTASGSLVPRGSHHHH
HH
;
A
2 'polypeptide(L)' RRRKR(00S) B
#
# COMPACT_ATOMS: atom_id res chain seq x y z
N VAL A 2 17.70 11.97 -27.74
CA VAL A 2 17.32 12.85 -26.63
C VAL A 2 15.83 12.69 -26.34
N TYR A 3 15.50 12.33 -25.10
CA TYR A 3 14.11 12.09 -24.74
C TYR A 3 13.30 13.39 -24.86
N GLN A 4 12.12 13.28 -25.46
CA GLN A 4 11.20 14.40 -25.60
C GLN A 4 10.00 14.15 -24.68
N GLU A 5 9.77 15.08 -23.76
CA GLU A 5 8.68 14.91 -22.80
C GLU A 5 7.34 15.09 -23.49
N PRO A 6 6.26 14.61 -22.86
CA PRO A 6 4.95 14.66 -23.51
C PRO A 6 4.50 16.07 -23.83
N THR A 7 3.71 16.18 -24.90
CA THR A 7 3.15 17.44 -25.36
C THR A 7 1.69 17.59 -24.98
N ASP A 8 1.13 16.65 -24.22
CA ASP A 8 -0.28 16.68 -23.91
C ASP A 8 -0.66 18.01 -23.24
N PRO A 9 -1.87 18.51 -23.47
CA PRO A 9 -2.19 19.89 -23.05
C PRO A 9 -2.13 20.11 -21.56
N LYS A 10 -2.46 19.10 -20.75
CA LYS A 10 -2.43 19.23 -19.29
C LYS A 10 -1.18 18.64 -18.67
N PHE A 11 -0.24 18.11 -19.46
CA PHE A 11 1.01 17.63 -18.88
C PHE A 11 1.73 18.69 -18.06
N PRO A 12 1.79 19.96 -18.47
CA PRO A 12 2.45 20.99 -17.62
C PRO A 12 1.83 21.14 -16.24
N GLN A 13 0.59 20.72 -16.05
CA GLN A 13 -0.06 20.77 -14.74
C GLN A 13 0.21 19.52 -13.89
N GLN A 14 0.90 18.53 -14.44
CA GLN A 14 1.21 17.31 -13.67
C GLN A 14 2.51 17.50 -12.89
N TRP A 15 2.41 18.41 -11.92
CA TRP A 15 3.54 18.85 -11.12
C TRP A 15 4.25 17.68 -10.42
N TYR A 16 3.53 16.62 -10.11
CA TYR A 16 4.06 15.49 -9.35
C TYR A 16 4.88 14.54 -10.19
N LEU A 17 4.84 14.66 -11.53
CA LEU A 17 5.60 13.75 -12.39
C LEU A 17 7.03 14.22 -12.61
N SER A 18 7.25 15.53 -12.69
CA SER A 18 8.56 16.06 -12.99
C SER A 18 8.56 17.57 -12.72
N GLY A 19 9.74 18.14 -12.71
CA GLY A 19 9.90 19.57 -12.55
C GLY A 19 11.30 19.92 -12.10
N VAL A 20 11.64 21.20 -12.29
CA VAL A 20 12.90 21.71 -11.79
C VAL A 20 12.95 21.71 -10.26
N THR A 21 11.78 21.65 -9.60
CA THR A 21 11.68 22.01 -8.19
C THR A 21 12.15 20.89 -7.25
N GLN A 22 12.10 19.63 -7.68
CA GLN A 22 12.45 18.41 -6.93
C GLN A 22 11.26 17.88 -6.12
N ARG A 23 10.16 18.63 -5.99
CA ARG A 23 8.93 18.11 -5.38
C ARG A 23 8.15 17.29 -6.41
N ASP A 24 8.73 16.16 -6.80
CA ASP A 24 8.06 15.26 -7.74
C ASP A 24 8.51 13.82 -7.49
N LEU A 25 7.89 12.90 -8.23
CA LEU A 25 8.16 11.47 -8.13
C LEU A 25 9.25 11.00 -9.09
N ASN A 26 9.94 11.94 -9.74
CA ASN A 26 11.10 11.61 -10.57
C ASN A 26 10.74 10.64 -11.69
N VAL A 27 9.56 10.84 -12.29
CA VAL A 27 9.09 9.93 -13.30
C VAL A 27 9.71 10.23 -14.67
N LYS A 28 9.98 11.50 -14.98
CA LYS A 28 10.60 11.80 -16.27
C LYS A 28 11.97 11.13 -16.39
N ALA A 29 12.70 11.04 -15.28
CA ALA A 29 13.99 10.34 -15.29
C ALA A 29 13.83 8.89 -15.72
N ALA A 30 12.75 8.22 -15.30
CA ALA A 30 12.54 6.85 -15.75
C ALA A 30 12.20 6.80 -17.23
N TRP A 31 11.32 7.69 -17.69
CA TRP A 31 11.00 7.79 -19.11
C TRP A 31 12.26 7.98 -19.96
N ALA A 32 13.17 8.84 -19.51
CA ALA A 32 14.39 9.10 -20.25
C ALA A 32 15.34 7.91 -20.26
N GLN A 33 15.25 7.01 -19.27
CA GLN A 33 15.99 5.75 -19.35
C GLN A 33 15.34 4.77 -20.30
N GLY A 34 14.18 5.10 -20.87
CA GLY A 34 13.51 4.25 -21.83
C GLY A 34 12.32 3.46 -21.31
N TYR A 35 11.88 3.71 -20.09
CA TYR A 35 10.82 2.93 -19.47
C TYR A 35 9.55 3.74 -19.43
N THR A 36 8.54 3.30 -20.17
CA THR A 36 7.24 3.95 -20.20
C THR A 36 6.10 2.97 -19.93
N GLY A 37 6.42 1.71 -19.65
CA GLY A 37 5.42 0.72 -19.31
C GLY A 37 5.09 -0.26 -20.40
N HIS A 38 5.78 -0.21 -21.54
N HIS A 38 5.77 -0.20 -21.54
CA HIS A 38 5.47 -1.13 -22.63
CA HIS A 38 5.53 -1.14 -22.64
C HIS A 38 5.53 -2.57 -22.15
C HIS A 38 5.54 -2.58 -22.13
N GLY A 39 4.46 -3.32 -22.42
CA GLY A 39 4.41 -4.73 -22.09
C GLY A 39 3.90 -5.06 -20.70
N ILE A 40 3.64 -4.07 -19.85
CA ILE A 40 3.15 -4.31 -18.50
C ILE A 40 1.64 -4.10 -18.48
N VAL A 41 0.95 -4.89 -17.67
CA VAL A 41 -0.51 -4.90 -17.61
C VAL A 41 -0.92 -4.54 -16.19
N VAL A 42 -1.72 -3.48 -16.05
CA VAL A 42 -2.23 -3.02 -14.76
C VAL A 42 -3.75 -3.08 -14.80
N SER A 43 -4.36 -3.54 -13.71
CA SER A 43 -5.81 -3.56 -13.61
C SER A 43 -6.26 -2.73 -12.41
N ILE A 44 -7.26 -1.87 -12.64
CA ILE A 44 -7.84 -1.02 -11.61
C ILE A 44 -9.07 -1.74 -11.07
N LEU A 45 -9.01 -2.16 -9.80
CA LEU A 45 -10.15 -2.82 -9.16
C LEU A 45 -10.99 -1.71 -8.54
N ASP A 46 -12.13 -1.39 -9.16
CA ASP A 46 -12.85 -0.21 -8.71
C ASP A 46 -14.30 -0.25 -9.19
N ASP A 47 -14.87 0.90 -9.55
CA ASP A 47 -16.27 0.97 -9.95
C ASP A 47 -16.44 0.92 -11.47
N GLY A 48 -15.42 0.50 -12.19
CA GLY A 48 -15.46 0.43 -13.64
C GLY A 48 -14.43 1.34 -14.30
N ILE A 49 -14.28 1.16 -15.61
CA ILE A 49 -13.34 1.95 -16.39
C ILE A 49 -13.99 2.33 -17.71
N GLU A 50 -13.91 3.61 -18.07
CA GLU A 50 -14.45 4.06 -19.34
C GLU A 50 -13.52 3.63 -20.46
N LYS A 51 -13.76 2.43 -21.02
CA LYS A 51 -12.77 1.84 -21.92
C LYS A 51 -12.64 2.59 -23.23
N ASN A 52 -13.63 3.41 -23.57
CA ASN A 52 -13.60 4.20 -24.78
C ASN A 52 -13.17 5.64 -24.52
N HIS A 53 -12.67 5.95 -23.32
CA HIS A 53 -12.20 7.29 -23.06
C HIS A 53 -11.10 7.65 -24.05
N PRO A 54 -11.12 8.87 -24.62
CA PRO A 54 -10.09 9.23 -25.60
C PRO A 54 -8.66 9.15 -25.08
N ASP A 55 -8.44 9.22 -23.76
CA ASP A 55 -7.10 9.07 -23.23
C ASP A 55 -6.84 7.69 -22.66
N LEU A 56 -7.80 6.75 -22.72
CA LEU A 56 -7.56 5.38 -22.30
C LEU A 56 -7.69 4.35 -23.41
N ALA A 57 -8.47 4.62 -24.45
CA ALA A 57 -8.77 3.60 -25.45
C ALA A 57 -7.52 3.00 -26.07
N GLY A 58 -6.50 3.83 -26.32
CA GLY A 58 -5.28 3.35 -26.93
C GLY A 58 -4.50 2.35 -26.09
N ASN A 59 -4.68 2.37 -24.77
CA ASN A 59 -3.99 1.45 -23.87
C ASN A 59 -4.92 0.39 -23.28
N TYR A 60 -6.21 0.44 -23.58
CA TYR A 60 -7.17 -0.42 -22.91
C TYR A 60 -6.92 -1.89 -23.24
N ASP A 61 -7.05 -2.74 -22.22
CA ASP A 61 -6.80 -4.17 -22.35
C ASP A 61 -7.99 -4.93 -21.81
N PRO A 62 -8.83 -5.52 -22.67
CA PRO A 62 -9.95 -6.32 -22.17
C PRO A 62 -9.51 -7.54 -21.37
N GLY A 63 -8.29 -8.05 -21.61
CA GLY A 63 -7.78 -9.15 -20.81
C GLY A 63 -7.47 -8.78 -19.38
N ALA A 64 -7.36 -7.49 -19.08
CA ALA A 64 -7.15 -6.99 -17.73
C ALA A 64 -8.45 -6.51 -17.09
N SER A 65 -9.60 -6.88 -17.66
CA SER A 65 -10.86 -6.28 -17.30
C SER A 65 -11.93 -7.34 -17.11
N PHE A 66 -12.88 -7.03 -16.24
CA PHE A 66 -14.07 -7.84 -16.05
C PHE A 66 -15.06 -7.01 -15.27
N ASP A 67 -16.32 -7.42 -15.32
CA ASP A 67 -17.39 -6.79 -14.54
C ASP A 67 -17.90 -7.84 -13.57
N VAL A 68 -17.42 -7.76 -12.33
CA VAL A 68 -17.83 -8.72 -11.31
C VAL A 68 -19.22 -8.39 -10.78
N ASN A 69 -19.57 -7.10 -10.74
CA ASN A 69 -20.88 -6.69 -10.23
C ASN A 69 -22.02 -7.25 -11.08
N ASP A 70 -21.88 -7.21 -12.40
CA ASP A 70 -22.92 -7.69 -13.30
C ASP A 70 -22.58 -9.00 -13.99
N GLN A 71 -21.39 -9.58 -13.71
CA GLN A 71 -20.99 -10.87 -14.26
C GLN A 71 -20.97 -10.84 -15.79
N ASP A 72 -20.13 -9.97 -16.34
CA ASP A 72 -19.91 -9.91 -17.77
C ASP A 72 -18.51 -9.37 -18.01
N PRO A 73 -18.01 -9.44 -19.25
CA PRO A 73 -16.63 -9.00 -19.49
C PRO A 73 -16.44 -7.50 -19.55
N ASP A 74 -17.51 -6.71 -19.66
CA ASP A 74 -17.43 -5.31 -20.02
C ASP A 74 -17.46 -4.44 -18.76
N PRO A 75 -16.34 -3.78 -18.39
CA PRO A 75 -16.30 -3.03 -17.14
C PRO A 75 -16.79 -1.59 -17.26
N GLN A 76 -17.53 -1.27 -18.31
CA GLN A 76 -17.98 0.11 -18.52
C GLN A 76 -18.68 0.62 -17.26
N PRO A 77 -18.40 1.84 -16.82
CA PRO A 77 -19.10 2.36 -15.63
C PRO A 77 -20.58 2.56 -15.91
N ARG A 78 -21.36 2.51 -14.83
CA ARG A 78 -22.79 2.80 -14.88
C ARG A 78 -22.98 4.31 -14.78
N TYR A 79 -23.61 4.91 -15.77
CA TYR A 79 -23.72 6.36 -15.84
C TYR A 79 -24.91 6.83 -15.03
N THR A 80 -24.67 7.81 -14.16
CA THR A 80 -25.71 8.40 -13.32
C THR A 80 -25.53 9.91 -13.29
N GLN A 81 -26.60 10.62 -12.93
CA GLN A 81 -26.56 12.08 -12.86
C GLN A 81 -25.48 12.57 -11.91
N MET A 82 -25.24 11.84 -10.82
CA MET A 82 -24.23 12.25 -9.84
C MET A 82 -22.82 11.87 -10.26
N ASN A 83 -22.64 11.12 -11.35
CA ASN A 83 -21.34 10.64 -11.78
C ASN A 83 -20.63 9.85 -10.67
N ASP A 84 -21.41 9.01 -9.98
CA ASP A 84 -20.90 8.23 -8.84
C ASP A 84 -19.77 7.30 -9.25
N ASN A 85 -19.82 6.75 -10.46
CA ASN A 85 -18.90 5.71 -10.89
C ASN A 85 -17.76 6.25 -11.75
N ARG A 86 -17.30 7.45 -11.41
CA ARG A 86 -16.16 8.09 -12.07
C ARG A 86 -14.83 7.68 -11.45
N HIS A 87 -14.88 7.04 -10.29
CA HIS A 87 -13.69 6.86 -9.45
C HIS A 87 -12.66 5.98 -10.16
N GLY A 88 -13.10 4.84 -10.70
CA GLY A 88 -12.15 3.94 -11.35
C GLY A 88 -11.50 4.54 -12.59
N THR A 89 -12.26 5.33 -13.35
CA THR A 89 -11.71 5.96 -14.54
C THR A 89 -10.63 6.99 -14.17
N ARG A 90 -10.88 7.78 -13.12
CA ARG A 90 -9.84 8.67 -12.63
C ARG A 90 -8.57 7.91 -12.24
N CYS A 91 -8.72 6.80 -11.50
CA CYS A 91 -7.54 6.03 -11.12
C CYS A 91 -6.80 5.49 -12.34
N ALA A 92 -7.54 4.99 -13.34
CA ALA A 92 -6.89 4.36 -14.49
C ALA A 92 -6.03 5.36 -15.27
N GLY A 93 -6.52 6.59 -15.43
CA GLY A 93 -5.76 7.59 -16.16
C GLY A 93 -4.46 7.97 -15.48
N GLU A 94 -4.40 7.85 -14.16
CA GLU A 94 -3.15 8.12 -13.47
C GLU A 94 -2.08 7.12 -13.86
N VAL A 95 -2.47 5.86 -14.04
CA VAL A 95 -1.51 4.83 -14.40
C VAL A 95 -1.10 4.95 -15.86
N ALA A 96 -2.09 5.05 -16.76
CA ALA A 96 -1.82 4.72 -18.16
C ALA A 96 -2.59 5.59 -19.15
N ALA A 97 -2.85 6.85 -18.82
CA ALA A 97 -3.40 7.75 -19.84
C ALA A 97 -2.41 7.90 -20.99
N VAL A 98 -2.94 7.90 -22.22
CA VAL A 98 -2.10 7.91 -23.41
C VAL A 98 -1.32 9.22 -23.51
N ALA A 99 -0.10 9.14 -24.01
CA ALA A 99 0.76 10.31 -24.14
C ALA A 99 0.75 10.84 -25.58
N ASN A 100 1.03 12.14 -25.71
CA ASN A 100 1.29 12.78 -27.01
C ASN A 100 0.12 12.60 -27.98
N ASN A 101 -1.10 12.70 -27.47
CA ASN A 101 -2.28 12.56 -28.29
C ASN A 101 -3.20 13.78 -28.18
N GLY A 102 -2.69 14.90 -27.67
CA GLY A 102 -3.47 16.12 -27.61
C GLY A 102 -4.64 16.09 -26.66
N VAL A 103 -4.71 15.10 -25.76
CA VAL A 103 -5.82 14.93 -24.83
C VAL A 103 -5.27 14.89 -23.40
N CYS A 104 -5.85 15.71 -22.53
CA CYS A 104 -5.64 15.67 -21.05
C CYS A 104 -4.14 15.60 -20.75
N GLY A 105 -3.70 14.72 -19.84
CA GLY A 105 -2.29 14.62 -19.49
C GLY A 105 -1.74 13.27 -19.89
N VAL A 106 -0.87 12.66 -19.06
CA VAL A 106 -0.32 11.35 -19.37
C VAL A 106 -0.33 10.50 -18.11
N GLY A 107 -0.44 9.19 -18.30
CA GLY A 107 -0.19 8.27 -17.19
C GLY A 107 1.27 8.19 -16.82
N VAL A 108 1.55 7.72 -15.60
CA VAL A 108 2.93 7.44 -15.22
C VAL A 108 3.54 6.43 -16.18
N ALA A 109 2.77 5.41 -16.53
CA ALA A 109 3.22 4.35 -17.42
C ALA A 109 2.39 4.45 -18.70
N TYR A 110 2.65 5.50 -19.48
CA TYR A 110 1.70 5.86 -20.53
C TYR A 110 1.72 4.92 -21.73
N ASN A 111 2.59 3.91 -21.73
CA ASN A 111 2.57 2.87 -22.75
C ASN A 111 2.19 1.51 -22.18
N ALA A 112 1.81 1.46 -20.90
CA ALA A 112 1.35 0.20 -20.33
C ALA A 112 -0.06 -0.12 -20.82
N ARG A 113 -0.47 -1.37 -20.66
N ARG A 113 -0.45 -1.38 -20.66
CA ARG A 113 -1.84 -1.76 -20.93
CA ARG A 113 -1.83 -1.79 -20.90
C ARG A 113 -2.65 -1.65 -19.64
C ARG A 113 -2.63 -1.61 -19.63
N ILE A 114 -3.86 -1.13 -19.76
CA ILE A 114 -4.69 -0.77 -18.61
C ILE A 114 -6.05 -1.42 -18.74
N GLY A 115 -6.50 -2.06 -17.66
CA GLY A 115 -7.84 -2.59 -17.57
C GLY A 115 -8.51 -2.16 -16.27
N GLY A 116 -9.76 -2.56 -16.13
CA GLY A 116 -10.46 -2.30 -14.90
C GLY A 116 -11.39 -3.43 -14.53
N VAL A 117 -11.53 -3.72 -13.25
CA VAL A 117 -12.54 -4.66 -12.76
C VAL A 117 -13.65 -3.84 -12.13
N ARG A 118 -14.87 -3.98 -12.67
CA ARG A 118 -16.02 -3.31 -12.09
C ARG A 118 -16.51 -4.18 -10.93
N MET A 119 -16.20 -3.76 -9.71
CA MET A 119 -16.57 -4.56 -8.55
C MET A 119 -17.05 -3.74 -7.36
N LEU A 120 -16.95 -2.41 -7.38
CA LEU A 120 -17.44 -1.61 -6.27
C LEU A 120 -18.89 -1.17 -6.44
N ASP A 121 -19.47 -1.30 -7.64
CA ASP A 121 -20.81 -0.76 -7.91
C ASP A 121 -21.85 -1.86 -7.69
N GLY A 122 -22.02 -2.20 -6.42
CA GLY A 122 -22.81 -3.34 -6.02
C GLY A 122 -22.36 -3.80 -4.65
N GLU A 123 -22.98 -4.88 -4.19
CA GLU A 123 -22.58 -5.43 -2.90
C GLU A 123 -21.17 -5.99 -3.01
N VAL A 124 -20.28 -5.52 -2.15
CA VAL A 124 -18.88 -5.95 -2.24
C VAL A 124 -18.66 -7.07 -1.24
N THR A 125 -18.99 -8.28 -1.63
CA THR A 125 -18.83 -9.43 -0.76
C THR A 125 -17.40 -9.96 -0.83
N ASP A 126 -17.12 -10.91 0.06
CA ASP A 126 -15.84 -11.61 0.03
C ASP A 126 -15.62 -12.27 -1.33
N ALA A 127 -16.64 -12.93 -1.87
CA ALA A 127 -16.49 -13.57 -3.18
C ALA A 127 -16.20 -12.55 -4.27
N VAL A 128 -16.82 -11.37 -4.19
CA VAL A 128 -16.61 -10.33 -5.19
C VAL A 128 -15.16 -9.87 -5.17
N GLU A 129 -14.62 -9.61 -3.97
CA GLU A 129 -13.22 -9.25 -3.86
C GLU A 129 -12.32 -10.34 -4.41
N ALA A 130 -12.60 -11.60 -4.05
CA ALA A 130 -11.72 -12.70 -4.45
C ALA A 130 -11.70 -12.86 -5.96
N ARG A 131 -12.87 -12.72 -6.61
CA ARG A 131 -12.91 -12.86 -8.06
C ARG A 131 -12.17 -11.72 -8.75
N SER A 132 -12.10 -10.54 -8.11
CA SER A 132 -11.41 -9.39 -8.68
C SER A 132 -9.89 -9.49 -8.46
N LEU A 133 -9.48 -9.77 -7.22
CA LEU A 133 -8.07 -9.99 -6.92
C LEU A 133 -7.48 -11.16 -7.68
N GLY A 134 -8.28 -12.17 -7.98
CA GLY A 134 -7.79 -13.35 -8.68
C GLY A 134 -8.02 -13.33 -10.18
N LEU A 135 -8.33 -12.17 -10.76
CA LEU A 135 -8.65 -12.11 -12.18
C LEU A 135 -7.40 -12.26 -13.04
N ASN A 136 -7.45 -13.22 -13.98
N ASN A 136 -7.45 -13.20 -13.99
CA ASN A 136 -6.43 -13.46 -15.00
CA ASN A 136 -6.42 -13.43 -15.01
C ASN A 136 -5.02 -13.24 -14.46
C ASN A 136 -5.01 -13.23 -14.45
N PRO A 137 -4.61 -13.97 -13.42
CA PRO A 137 -3.35 -13.65 -12.73
C PRO A 137 -2.10 -14.00 -13.53
N ASN A 138 -2.20 -14.69 -14.65
CA ASN A 138 -1.06 -14.88 -15.52
C ASN A 138 -1.01 -13.87 -16.65
N HIS A 139 -1.94 -12.94 -16.70
CA HIS A 139 -1.91 -11.84 -17.66
C HIS A 139 -1.73 -10.50 -16.99
N ILE A 140 -2.51 -10.21 -15.94
CA ILE A 140 -2.37 -8.96 -15.21
C ILE A 140 -1.11 -9.04 -14.34
N HIS A 141 -0.29 -8.00 -14.38
CA HIS A 141 0.90 -7.96 -13.54
C HIS A 141 0.66 -7.27 -12.21
N ILE A 142 -0.09 -6.18 -12.24
CA ILE A 142 -0.22 -5.25 -11.13
C ILE A 142 -1.70 -4.94 -10.94
N TYR A 143 -2.19 -5.08 -9.72
CA TYR A 143 -3.55 -4.75 -9.32
C TYR A 143 -3.52 -3.52 -8.43
N SER A 144 -4.39 -2.55 -8.70
CA SER A 144 -4.44 -1.31 -7.93
C SER A 144 -5.81 -1.20 -7.29
N ALA A 145 -5.84 -0.98 -5.96
CA ALA A 145 -7.09 -0.92 -5.22
C ALA A 145 -7.15 0.36 -4.40
N SER A 146 -7.98 1.31 -4.84
CA SER A 146 -8.24 2.54 -4.09
C SER A 146 -9.58 2.45 -3.35
N TRP A 147 -9.68 1.43 -2.49
CA TRP A 147 -10.90 1.17 -1.74
C TRP A 147 -10.54 0.32 -0.54
N GLY A 148 -11.49 0.18 0.37
CA GLY A 148 -11.30 -0.70 1.50
C GLY A 148 -12.38 -0.52 2.54
N PRO A 149 -12.15 -1.08 3.74
CA PRO A 149 -13.13 -0.96 4.82
C PRO A 149 -13.38 0.50 5.17
N GLU A 150 -14.54 0.73 5.77
CA GLU A 150 -14.95 2.09 6.13
C GLU A 150 -13.89 2.78 6.97
N ASP A 151 -13.63 4.05 6.67
CA ASP A 151 -12.68 4.89 7.40
C ASP A 151 -13.34 5.70 8.49
N ASP A 152 -14.24 5.09 9.26
CA ASP A 152 -14.91 5.82 10.33
C ASP A 152 -14.07 5.87 11.59
N GLY A 153 -12.89 5.23 11.59
CA GLY A 153 -12.07 5.23 12.77
C GLY A 153 -12.57 4.34 13.89
N LYS A 154 -13.52 3.45 13.61
CA LYS A 154 -13.91 2.46 14.60
C LYS A 154 -13.95 1.03 14.06
N THR A 155 -13.73 0.85 12.76
CA THR A 155 -13.79 -0.46 12.15
C THR A 155 -12.44 -1.18 12.25
N VAL A 156 -12.50 -2.48 12.55
CA VAL A 156 -11.36 -3.38 12.36
C VAL A 156 -11.85 -4.46 11.39
N ASP A 157 -11.28 -4.48 10.19
CA ASP A 157 -11.80 -5.39 9.19
C ASP A 157 -10.71 -5.65 8.18
N GLY A 158 -10.78 -6.81 7.54
CA GLY A 158 -9.83 -7.15 6.52
C GLY A 158 -10.39 -8.22 5.61
N PRO A 159 -9.55 -8.76 4.74
CA PRO A 159 -10.01 -9.79 3.80
C PRO A 159 -10.56 -11.01 4.55
N ALA A 160 -11.74 -11.45 4.14
CA ALA A 160 -12.31 -12.70 4.61
C ALA A 160 -11.65 -13.86 3.85
N ARG A 161 -12.18 -15.08 3.98
CA ARG A 161 -11.40 -16.25 3.59
C ARG A 161 -11.08 -16.25 2.10
N LEU A 162 -12.08 -16.00 1.24
CA LEU A 162 -11.85 -16.08 -0.20
C LEU A 162 -10.85 -15.02 -0.65
N ALA A 163 -10.98 -13.80 -0.11
CA ALA A 163 -10.07 -12.74 -0.48
C ALA A 163 -8.65 -13.03 -0.01
N GLU A 164 -8.50 -13.56 1.20
CA GLU A 164 -7.16 -13.91 1.66
C GLU A 164 -6.59 -15.06 0.82
N GLU A 165 -7.42 -16.03 0.48
CA GLU A 165 -6.97 -17.09 -0.42
C GLU A 165 -6.53 -16.51 -1.77
N ALA A 166 -7.23 -15.46 -2.25
CA ALA A 166 -6.83 -14.80 -3.49
C ALA A 166 -5.46 -14.14 -3.35
N PHE A 167 -5.21 -13.49 -2.21
CA PHE A 167 -3.89 -12.92 -1.99
C PHE A 167 -2.81 -13.99 -2.03
N PHE A 168 -3.02 -15.11 -1.33
CA PHE A 168 -1.94 -16.09 -1.28
C PHE A 168 -1.73 -16.75 -2.64
N ARG A 169 -2.83 -17.06 -3.34
CA ARG A 169 -2.70 -17.63 -4.68
C ARG A 169 -1.99 -16.66 -5.62
N GLY A 170 -2.31 -15.37 -5.50
CA GLY A 170 -1.69 -14.36 -6.36
C GLY A 170 -0.19 -14.25 -6.14
N VAL A 171 0.24 -14.14 -4.88
CA VAL A 171 1.67 -13.96 -4.64
C VAL A 171 2.42 -15.26 -4.87
N SER A 172 1.75 -16.41 -4.77
CA SER A 172 2.44 -17.69 -4.91
C SER A 172 2.51 -18.18 -6.35
N GLN A 173 1.38 -18.19 -7.05
CA GLN A 173 1.33 -18.72 -8.41
C GLN A 173 1.13 -17.65 -9.48
N GLY A 174 0.71 -16.44 -9.11
CA GLY A 174 0.50 -15.40 -10.10
C GLY A 174 1.77 -14.94 -10.77
N ARG A 175 1.62 -14.34 -11.95
CA ARG A 175 2.74 -13.81 -12.74
C ARG A 175 3.82 -14.88 -12.93
N GLY A 176 3.38 -16.08 -13.28
CA GLY A 176 4.32 -17.16 -13.55
C GLY A 176 5.07 -17.64 -12.33
N GLY A 177 4.47 -17.54 -11.14
CA GLY A 177 5.14 -17.88 -9.91
C GLY A 177 5.95 -16.76 -9.30
N LEU A 178 6.10 -15.63 -9.99
CA LEU A 178 6.78 -14.50 -9.39
C LEU A 178 5.90 -13.73 -8.41
N GLY A 179 4.58 -13.82 -8.56
CA GLY A 179 3.68 -13.22 -7.59
C GLY A 179 3.01 -11.95 -8.08
N SER A 180 1.67 -11.94 -8.05
CA SER A 180 0.93 -10.72 -8.35
C SER A 180 1.38 -9.57 -7.46
N ILE A 181 1.39 -8.36 -8.03
CA ILE A 181 1.72 -7.15 -7.30
C ILE A 181 0.40 -6.46 -6.94
N PHE A 182 0.09 -6.38 -5.64
CA PHE A 182 -1.13 -5.73 -5.16
C PHE A 182 -0.77 -4.38 -4.54
N VAL A 183 -1.29 -3.29 -5.11
CA VAL A 183 -1.03 -1.94 -4.61
C VAL A 183 -2.30 -1.42 -3.95
N TRP A 184 -2.18 -0.89 -2.73
CA TRP A 184 -3.33 -0.47 -1.94
C TRP A 184 -3.20 0.97 -1.49
N ALA A 185 -4.33 1.69 -1.51
CA ALA A 185 -4.40 3.02 -0.92
C ALA A 185 -4.56 2.87 0.59
N SER A 186 -3.73 3.55 1.38
CA SER A 186 -3.71 3.28 2.80
C SER A 186 -4.93 3.82 3.54
N GLY A 187 -5.70 4.73 2.95
CA GLY A 187 -6.96 5.11 3.61
C GLY A 187 -7.23 6.60 3.69
N ASN A 188 -8.50 6.98 3.86
CA ASN A 188 -8.90 8.39 3.95
C ASN A 188 -9.39 8.77 5.33
N GLY A 189 -9.03 8.01 6.37
CA GLY A 189 -9.63 8.19 7.68
C GLY A 189 -8.96 9.18 8.58
N GLY A 190 -8.15 10.08 8.01
CA GLY A 190 -7.37 10.99 8.83
C GLY A 190 -8.21 11.85 9.76
N ARG A 191 -9.33 12.39 9.26
CA ARG A 191 -10.19 13.24 10.09
C ARG A 191 -10.78 12.46 11.27
N GLU A 192 -10.99 11.15 11.11
CA GLU A 192 -11.50 10.30 12.18
C GLU A 192 -10.39 9.71 13.04
N HIS A 193 -9.14 10.15 12.86
CA HIS A 193 -8.00 9.56 13.57
C HIS A 193 -7.94 8.06 13.39
N ASP A 194 -8.26 7.60 12.19
CA ASP A 194 -8.20 6.18 11.87
C ASP A 194 -6.74 5.71 11.80
N SER A 195 -6.56 4.41 12.02
CA SER A 195 -5.25 3.76 11.91
C SER A 195 -5.31 2.74 10.79
N CYS A 196 -4.39 2.85 9.83
CA CYS A 196 -4.41 1.91 8.70
C CYS A 196 -3.90 0.53 9.09
N ASN A 197 -3.49 0.29 10.35
CA ASN A 197 -3.25 -1.08 10.79
C ASN A 197 -4.54 -1.80 11.17
N CYS A 198 -5.67 -1.09 11.31
CA CYS A 198 -6.96 -1.72 11.55
C CYS A 198 -7.68 -2.09 10.27
N ASP A 199 -6.97 -2.06 9.16
CA ASP A 199 -7.48 -2.37 7.82
C ASP A 199 -6.63 -3.53 7.35
N GLY A 200 -7.23 -4.71 7.20
CA GLY A 200 -6.42 -5.89 6.89
C GLY A 200 -5.86 -5.88 5.48
N TYR A 201 -6.40 -5.05 4.58
CA TYR A 201 -5.89 -5.00 3.21
C TYR A 201 -4.56 -4.24 3.17
N THR A 202 -4.53 -3.08 3.81
CA THR A 202 -3.30 -2.29 3.88
C THR A 202 -2.28 -2.95 4.79
N ASN A 203 -2.75 -3.54 5.89
CA ASN A 203 -1.92 -4.21 6.88
C ASN A 203 -1.34 -5.54 6.37
N SER A 204 -1.83 -6.06 5.24
CA SER A 204 -1.34 -7.32 4.69
C SER A 204 0.10 -7.19 4.24
N ILE A 205 0.88 -8.26 4.40
CA ILE A 205 2.23 -8.23 3.81
C ILE A 205 2.17 -8.35 2.30
N TYR A 206 1.06 -8.84 1.75
CA TYR A 206 1.00 -9.06 0.30
C TYR A 206 0.64 -7.82 -0.49
N THR A 207 0.34 -6.70 0.17
CA THR A 207 0.03 -5.46 -0.52
C THR A 207 1.11 -4.41 -0.21
N LEU A 208 1.38 -3.55 -1.19
CA LEU A 208 2.20 -2.36 -0.97
C LEU A 208 1.25 -1.22 -0.61
N SER A 209 1.18 -0.88 0.67
CA SER A 209 0.26 0.15 1.14
C SER A 209 0.91 1.52 0.98
N ILE A 210 0.23 2.42 0.28
CA ILE A 210 0.79 3.68 -0.18
C ILE A 210 0.01 4.83 0.46
N SER A 211 0.73 5.72 1.13
CA SER A 211 0.14 6.93 1.71
C SER A 211 0.40 8.15 0.82
N SER A 212 -0.03 9.32 1.29
CA SER A 212 -0.08 10.53 0.50
C SER A 212 0.73 11.66 1.13
N ALA A 213 1.25 12.56 0.29
CA ALA A 213 1.80 13.82 0.74
C ALA A 213 1.23 14.94 -0.10
N THR A 214 1.04 16.10 0.51
CA THR A 214 0.57 17.29 -0.20
C THR A 214 1.71 17.89 -1.03
N GLN A 215 1.34 18.81 -1.93
CA GLN A 215 2.35 19.44 -2.80
C GLN A 215 3.46 20.09 -1.98
N PHE A 216 3.11 20.75 -0.88
CA PHE A 216 4.11 21.41 -0.05
C PHE A 216 4.82 20.45 0.92
N GLY A 217 4.61 19.15 0.75
CA GLY A 217 5.32 18.17 1.56
C GLY A 217 4.73 17.90 2.92
N ASN A 218 3.43 18.04 3.09
CA ASN A 218 2.81 17.86 4.40
C ASN A 218 1.90 16.63 4.41
N VAL A 219 1.55 16.21 5.63
CA VAL A 219 0.63 15.09 5.84
C VAL A 219 -0.79 15.58 5.58
N PRO A 220 -1.45 15.11 4.53
CA PRO A 220 -2.79 15.62 4.21
C PRO A 220 -3.78 15.35 5.32
N TRP A 221 -4.87 16.12 5.32
CA TRP A 221 -5.90 15.98 6.35
C TRP A 221 -6.47 14.56 6.41
N TYR A 222 -6.57 13.88 5.27
CA TYR A 222 -7.20 12.56 5.19
C TYR A 222 -6.25 11.43 5.54
N SER A 223 -4.97 11.72 5.75
CA SER A 223 -3.96 10.66 5.88
C SER A 223 -4.15 9.85 7.15
N GLU A 224 -3.96 8.54 7.05
CA GLU A 224 -3.93 7.64 8.21
C GLU A 224 -2.50 7.23 8.48
N ALA A 225 -2.07 7.33 9.73
CA ALA A 225 -0.76 6.85 10.13
C ALA A 225 -0.85 5.41 10.63
N CYS A 226 0.14 4.59 10.24
CA CYS A 226 0.29 3.25 10.79
C CYS A 226 1.65 2.69 10.39
N SER A 227 2.03 1.60 11.07
CA SER A 227 3.31 0.96 10.79
C SER A 227 3.30 0.09 9.53
N SER A 228 2.12 -0.28 8.99
CA SER A 228 2.12 -1.15 7.82
C SER A 228 2.37 -0.40 6.52
N THR A 229 2.24 0.92 6.49
CA THR A 229 2.46 1.67 5.27
C THR A 229 3.91 1.50 4.81
N LEU A 230 4.09 1.32 3.50
CA LEU A 230 5.42 1.11 2.95
C LEU A 230 6.05 2.37 2.35
N ALA A 231 5.29 3.18 1.62
CA ALA A 231 5.85 4.37 0.96
C ALA A 231 4.72 5.33 0.62
N THR A 232 5.05 6.40 -0.13
CA THR A 232 4.19 7.55 -0.32
C THR A 232 4.25 8.03 -1.76
N THR A 233 3.12 8.51 -2.29
CA THR A 233 3.15 9.35 -3.49
C THR A 233 2.36 10.62 -3.22
N TYR A 234 2.60 11.64 -4.05
CA TYR A 234 1.86 12.88 -3.92
C TYR A 234 0.37 12.69 -4.20
N SER A 235 -0.45 13.50 -3.51
CA SER A 235 -1.86 13.61 -3.82
C SER A 235 -2.31 15.01 -3.40
N SER A 236 -3.58 15.17 -3.07
CA SER A 236 -4.13 16.49 -2.83
C SER A 236 -3.86 16.94 -1.40
N GLY A 237 -4.09 18.23 -1.16
CA GLY A 237 -3.89 18.84 0.14
C GLY A 237 -4.91 19.93 0.38
N ASN A 238 -4.45 21.13 0.76
CA ASN A 238 -5.37 22.26 0.93
C ASN A 238 -5.64 22.92 -0.42
N GLN A 239 -6.43 24.00 -0.42
CA GLN A 239 -6.89 24.55 -1.68
C GLN A 239 -5.89 25.48 -2.33
N ASN A 240 -4.73 25.72 -1.69
CA ASN A 240 -3.63 26.39 -2.37
C ASN A 240 -2.69 25.40 -3.02
N GLU A 241 -2.85 24.10 -2.75
CA GLU A 241 -1.98 23.07 -3.29
C GLU A 241 -2.64 22.41 -4.49
N LYS A 242 -1.84 22.07 -5.48
CA LYS A 242 -2.36 21.47 -6.70
C LYS A 242 -2.82 20.04 -6.44
N GLN A 243 -3.59 19.51 -7.38
CA GLN A 243 -4.17 18.19 -7.23
C GLN A 243 -3.74 17.30 -8.39
N ILE A 244 -4.43 16.18 -8.59
CA ILE A 244 -4.00 15.17 -9.54
C ILE A 244 -4.81 15.29 -10.83
N VAL A 245 -4.12 15.21 -11.97
CA VAL A 245 -4.69 15.40 -13.30
C VAL A 245 -4.93 14.04 -13.93
N THR A 246 -6.16 13.76 -14.37
CA THR A 246 -6.42 12.43 -14.89
C THR A 246 -7.69 12.45 -15.75
N THR A 247 -7.97 11.28 -16.34
CA THR A 247 -9.16 11.05 -17.14
C THR A 247 -10.40 11.00 -16.26
N ASP A 248 -11.48 11.65 -16.71
CA ASP A 248 -12.71 11.68 -15.94
C ASP A 248 -13.83 11.01 -16.73
N LEU A 249 -14.91 10.70 -16.02
CA LEU A 249 -16.06 10.06 -16.65
C LEU A 249 -16.65 10.98 -17.72
N ARG A 250 -17.32 10.37 -18.71
CA ARG A 250 -17.92 11.09 -19.84
C ARG A 250 -16.85 11.74 -20.71
N GLN A 251 -15.71 11.07 -20.82
CA GLN A 251 -14.66 11.41 -21.78
C GLN A 251 -14.04 12.76 -21.50
N LYS A 252 -14.06 13.17 -20.23
CA LYS A 252 -13.56 14.47 -19.82
C LYS A 252 -12.18 14.35 -19.17
N CYS A 253 -11.61 15.49 -18.82
CA CYS A 253 -10.34 15.59 -18.15
C CYS A 253 -10.56 16.35 -16.85
N THR A 254 -9.94 15.89 -15.76
CA THR A 254 -10.09 16.56 -14.47
C THR A 254 -8.71 16.91 -13.91
N GLU A 255 -8.63 18.07 -13.28
CA GLU A 255 -7.43 18.46 -12.56
C GLU A 255 -7.64 18.42 -11.05
N SER A 256 -8.68 17.73 -10.59
CA SER A 256 -9.05 17.78 -9.18
C SER A 256 -9.33 16.39 -8.61
N HIS A 257 -8.54 15.40 -9.02
CA HIS A 257 -8.56 14.08 -8.37
C HIS A 257 -7.77 14.18 -7.07
N THR A 258 -8.27 13.51 -6.02
CA THR A 258 -7.85 13.82 -4.65
C THR A 258 -7.76 12.56 -3.78
N GLY A 259 -7.17 12.74 -2.59
CA GLY A 259 -7.26 11.77 -1.52
C GLY A 259 -6.31 10.60 -1.68
N THR A 260 -6.47 9.64 -0.77
CA THR A 260 -5.69 8.42 -0.82
C THR A 260 -5.90 7.69 -2.15
N SER A 261 -7.08 7.84 -2.75
CA SER A 261 -7.42 7.18 -4.00
C SER A 261 -6.42 7.48 -5.10
N ALA A 262 -5.86 8.69 -5.11
CA ALA A 262 -4.94 9.09 -6.17
C ALA A 262 -3.53 8.56 -5.94
N SER A 263 -3.18 8.21 -4.71
CA SER A 263 -1.80 7.82 -4.44
C SER A 263 -1.48 6.40 -4.94
N ALA A 264 -2.37 5.45 -4.69
CA ALA A 264 -2.08 4.08 -5.12
C ALA A 264 -1.89 3.96 -6.63
N PRO A 265 -2.71 4.58 -7.50
CA PRO A 265 -2.46 4.44 -8.94
C PRO A 265 -1.13 4.99 -9.39
N LEU A 266 -0.67 6.11 -8.80
CA LEU A 266 0.65 6.62 -9.14
C LEU A 266 1.73 5.62 -8.76
N ALA A 267 1.60 4.98 -7.59
CA ALA A 267 2.53 3.93 -7.22
C ALA A 267 2.46 2.76 -8.18
N ALA A 268 1.24 2.35 -8.58
CA ALA A 268 1.11 1.25 -9.52
C ALA A 268 1.78 1.58 -10.85
N GLY A 269 1.67 2.83 -11.31
CA GLY A 269 2.36 3.21 -12.53
C GLY A 269 3.87 3.13 -12.40
N ILE A 270 4.40 3.62 -11.28
CA ILE A 270 5.85 3.55 -11.04
C ILE A 270 6.30 2.10 -10.96
N ILE A 271 5.50 1.24 -10.34
CA ILE A 271 5.85 -0.18 -10.26
C ILE A 271 5.81 -0.80 -11.66
N ALA A 272 4.89 -0.34 -12.50
CA ALA A 272 4.85 -0.81 -13.89
C ALA A 272 6.13 -0.47 -14.63
N LEU A 273 6.62 0.77 -14.49
CA LEU A 273 7.91 1.14 -15.08
C LEU A 273 9.02 0.24 -14.56
N THR A 274 9.01 -0.04 -13.26
CA THR A 274 10.02 -0.89 -12.64
C THR A 274 9.97 -2.31 -13.20
N LEU A 275 8.76 -2.87 -13.36
CA LEU A 275 8.62 -4.20 -13.92
C LEU A 275 9.12 -4.25 -15.36
N GLU A 276 8.91 -3.20 -16.14
CA GLU A 276 9.45 -3.17 -17.49
C GLU A 276 10.97 -3.25 -17.44
N ALA A 277 11.59 -2.59 -16.45
CA ALA A 277 13.04 -2.60 -16.34
C ALA A 277 13.59 -3.96 -15.92
N ASN A 278 12.76 -4.82 -15.31
CA ASN A 278 13.20 -6.16 -14.94
C ASN A 278 11.95 -7.00 -14.74
N LYS A 279 11.56 -7.77 -15.77
CA LYS A 279 10.31 -8.51 -15.66
C LYS A 279 10.40 -9.70 -14.72
N ASN A 280 11.61 -10.02 -14.22
CA ASN A 280 11.82 -11.18 -13.37
C ASN A 280 11.71 -10.84 -11.89
N LEU A 281 11.32 -9.62 -11.54
CA LEU A 281 11.19 -9.24 -10.14
C LEU A 281 10.03 -9.98 -9.49
N THR A 282 10.27 -10.48 -8.27
CA THR A 282 9.19 -11.12 -7.53
C THR A 282 8.39 -10.06 -6.76
N TRP A 283 7.24 -10.49 -6.21
CA TRP A 283 6.45 -9.58 -5.39
C TRP A 283 7.25 -9.07 -4.20
N ARG A 284 8.14 -9.90 -3.64
CA ARG A 284 8.98 -9.43 -2.54
C ARG A 284 10.12 -8.54 -3.04
N ASP A 285 10.74 -8.89 -4.18
CA ASP A 285 11.71 -8.00 -4.82
C ASP A 285 11.17 -6.58 -4.87
N MET A 286 9.92 -6.43 -5.34
CA MET A 286 9.36 -5.10 -5.55
C MET A 286 9.30 -4.31 -4.26
N GLN A 287 8.95 -4.97 -3.15
CA GLN A 287 8.92 -4.28 -1.87
C GLN A 287 10.31 -3.88 -1.41
N HIS A 288 11.30 -4.75 -1.62
CA HIS A 288 12.69 -4.39 -1.34
C HIS A 288 13.11 -3.16 -2.14
N LEU A 289 12.79 -3.11 -3.43
CA LEU A 289 13.13 -1.95 -4.25
C LEU A 289 12.51 -0.67 -3.68
N VAL A 290 11.23 -0.73 -3.31
CA VAL A 290 10.56 0.43 -2.73
C VAL A 290 11.26 0.87 -1.44
N VAL A 291 11.60 -0.08 -0.57
CA VAL A 291 12.24 0.27 0.70
C VAL A 291 13.57 0.97 0.43
N GLN A 292 14.38 0.42 -0.47
CA GLN A 292 15.72 0.96 -0.67
C GLN A 292 15.73 2.31 -1.37
N THR A 293 14.77 2.56 -2.27
CA THR A 293 14.87 3.75 -3.13
C THR A 293 13.98 4.92 -2.70
N SER A 294 13.04 4.72 -1.79
CA SER A 294 12.12 5.80 -1.46
C SER A 294 12.82 6.89 -0.66
N LYS A 295 12.32 8.12 -0.80
CA LYS A 295 13.04 9.31 -0.38
C LYS A 295 12.27 10.05 0.70
N PRO A 296 12.81 10.16 1.91
CA PRO A 296 12.14 10.96 2.95
C PRO A 296 12.25 12.46 2.74
N ALA A 297 13.25 12.93 1.99
CA ALA A 297 13.69 14.32 2.08
C ALA A 297 12.54 15.30 1.88
N HIS A 298 12.43 16.26 2.80
CA HIS A 298 11.49 17.38 2.73
C HIS A 298 10.04 16.99 2.95
N LEU A 299 9.74 15.73 3.23
CA LEU A 299 8.41 15.39 3.73
C LEU A 299 8.37 15.70 5.22
N ASN A 300 7.38 16.50 5.63
CA ASN A 300 7.29 16.97 7.00
C ASN A 300 6.44 16.01 7.84
N ALA A 301 7.02 15.54 8.93
CA ALA A 301 6.34 14.71 9.93
C ALA A 301 7.06 14.88 11.26
N ASN A 302 6.34 14.73 12.35
CA ASN A 302 7.00 14.83 13.66
C ASN A 302 7.50 13.49 14.18
N ASP A 303 7.37 12.41 13.41
CA ASP A 303 7.72 11.08 13.91
C ASP A 303 8.82 10.40 13.07
N TRP A 304 9.58 11.14 12.28
CA TRP A 304 10.67 10.52 11.53
C TRP A 304 11.64 9.88 12.50
N ALA A 305 11.99 8.62 12.25
CA ALA A 305 12.92 7.88 13.09
C ALA A 305 13.85 7.08 12.19
N THR A 306 15.08 6.89 12.67
CA THR A 306 16.07 6.11 11.95
C THR A 306 16.03 4.69 12.49
N ASN A 307 15.87 3.69 11.61
CA ASN A 307 15.70 2.33 12.10
C ASN A 307 17.08 1.70 12.29
N GLY A 308 17.12 0.38 12.49
CA GLY A 308 18.38 -0.28 12.84
C GLY A 308 19.37 -0.37 11.70
N VAL A 309 18.94 -0.14 10.47
CA VAL A 309 19.87 -0.17 9.35
C VAL A 309 20.03 1.21 8.73
N GLY A 310 19.73 2.25 9.51
CA GLY A 310 20.01 3.61 9.10
C GLY A 310 19.00 4.24 8.17
N ARG A 311 17.84 3.63 7.96
CA ARG A 311 16.83 4.19 7.06
C ARG A 311 15.81 4.98 7.86
N LYS A 312 15.42 6.14 7.33
CA LYS A 312 14.43 6.98 7.98
C LYS A 312 13.05 6.44 7.65
N VAL A 313 12.18 6.35 8.65
CA VAL A 313 10.85 5.80 8.45
C VAL A 313 9.86 6.59 9.30
N SER A 314 8.66 6.80 8.75
CA SER A 314 7.60 7.56 9.40
C SER A 314 6.32 6.76 9.31
N HIS A 315 5.45 6.91 10.31
CA HIS A 315 4.16 6.22 10.24
C HIS A 315 3.22 6.91 9.26
N SER A 316 3.47 8.16 8.93
CA SER A 316 2.68 8.84 7.91
C SER A 316 3.11 8.49 6.51
N TYR A 317 4.38 8.14 6.32
CA TYR A 317 4.96 8.05 4.97
C TYR A 317 5.69 6.76 4.66
N GLY A 318 5.81 5.85 5.62
CA GLY A 318 6.65 4.68 5.36
C GLY A 318 8.07 5.14 5.12
N TYR A 319 8.69 4.62 4.05
CA TYR A 319 10.06 4.99 3.73
C TYR A 319 10.17 6.27 2.91
N GLY A 320 9.04 6.93 2.63
CA GLY A 320 9.06 8.20 1.95
C GLY A 320 8.46 8.15 0.56
N LEU A 321 8.77 9.18 -0.21
CA LEU A 321 8.23 9.32 -1.56
C LEU A 321 8.86 8.31 -2.52
N LEU A 322 8.03 7.70 -3.36
CA LEU A 322 8.58 6.88 -4.43
C LEU A 322 9.44 7.75 -5.36
N ASP A 323 10.46 7.11 -5.93
CA ASP A 323 11.41 7.74 -6.84
C ASP A 323 11.52 6.82 -8.06
N ALA A 324 10.80 7.15 -9.13
CA ALA A 324 10.70 6.25 -10.27
C ALA A 324 12.06 6.04 -10.93
N GLY A 325 12.84 7.12 -11.11
CA GLY A 325 14.15 6.97 -11.70
C GLY A 325 15.04 6.03 -10.92
N ALA A 326 14.99 6.12 -9.58
CA ALA A 326 15.82 5.25 -8.76
C ALA A 326 15.31 3.81 -8.80
N MET A 327 13.99 3.63 -8.75
CA MET A 327 13.38 2.32 -8.88
C MET A 327 13.85 1.60 -10.15
N VAL A 328 13.70 2.24 -11.31
CA VAL A 328 14.01 1.54 -12.56
C VAL A 328 15.51 1.31 -12.67
N ALA A 329 16.32 2.21 -12.14
CA ALA A 329 17.77 2.02 -12.18
C ALA A 329 18.18 0.82 -11.34
N LEU A 330 17.69 0.76 -10.08
CA LEU A 330 18.07 -0.34 -9.20
C LEU A 330 17.50 -1.67 -9.69
N ALA A 331 16.35 -1.64 -10.37
CA ALA A 331 15.72 -2.87 -10.82
C ALA A 331 16.58 -3.64 -11.82
N GLN A 332 17.34 -2.92 -12.66
CA GLN A 332 17.89 -3.56 -13.85
C GLN A 332 18.87 -4.68 -13.51
N ASN A 333 19.70 -4.49 -12.48
CA ASN A 333 20.64 -5.54 -12.10
C ASN A 333 20.31 -6.14 -10.74
N TRP A 334 19.03 -6.08 -10.35
CA TRP A 334 18.61 -6.62 -9.06
C TRP A 334 18.80 -8.13 -9.02
N THR A 335 19.38 -8.62 -7.93
CA THR A 335 19.47 -10.06 -7.68
C THR A 335 18.25 -10.51 -6.87
N THR A 336 17.52 -11.48 -7.41
CA THR A 336 16.32 -12.02 -6.74
C THR A 336 16.60 -12.37 -5.29
N VAL A 337 15.70 -11.97 -4.40
CA VAL A 337 15.86 -12.30 -2.98
C VAL A 337 15.68 -13.81 -2.78
N ALA A 338 16.25 -14.29 -1.68
CA ALA A 338 16.12 -15.68 -1.29
C ALA A 338 14.66 -16.00 -0.96
N PRO A 339 14.28 -17.28 -0.97
CA PRO A 339 12.90 -17.62 -0.62
C PRO A 339 12.54 -17.11 0.76
N GLN A 340 11.27 -16.78 0.94
CA GLN A 340 10.81 -16.17 2.19
C GLN A 340 10.75 -17.22 3.29
N ARG A 341 11.38 -16.92 4.42
CA ARG A 341 11.26 -17.73 5.62
C ARG A 341 10.28 -17.09 6.59
N LYS A 342 9.72 -17.92 7.45
CA LYS A 342 8.69 -17.52 8.40
C LYS A 342 9.02 -18.17 9.74
N CYS A 343 9.27 -17.35 10.75
CA CYS A 343 9.62 -17.81 12.09
C CYS A 343 8.51 -17.39 13.04
N ILE A 344 7.83 -18.37 13.63
CA ILE A 344 6.68 -18.15 14.52
C ILE A 344 7.16 -18.26 15.96
N ILE A 345 6.93 -17.22 16.76
CA ILE A 345 7.35 -17.22 18.15
C ILE A 345 6.13 -16.91 19.02
N ASP A 346 5.62 -17.92 19.73
CA ASP A 346 4.51 -17.70 20.65
C ASP A 346 5.09 -17.14 21.94
N ILE A 347 4.71 -15.91 22.29
CA ILE A 347 5.42 -15.15 23.32
C ILE A 347 4.93 -15.50 24.72
N LEU A 348 3.61 -15.55 24.94
CA LEU A 348 3.08 -15.59 26.30
C LEU A 348 3.10 -17.00 26.90
N THR A 349 3.39 -17.08 28.20
CA THR A 349 3.20 -18.33 28.93
C THR A 349 1.95 -18.31 29.79
N GLU A 350 1.25 -17.19 29.87
CA GLU A 350 0.03 -17.02 30.65
C GLU A 350 -0.65 -15.73 30.23
N PRO A 351 -1.97 -15.61 30.35
CA PRO A 351 -2.62 -14.33 30.02
C PRO A 351 -2.16 -13.23 30.97
N LYS A 352 -2.21 -12.00 30.47
CA LYS A 352 -1.70 -10.83 31.18
C LYS A 352 -2.77 -9.75 31.26
N ASP A 353 -3.07 -9.28 32.46
N ASP A 353 -3.04 -9.28 32.47
CA ASP A 353 -4.00 -8.18 32.62
CA ASP A 353 -3.95 -8.15 32.66
C ASP A 353 -3.39 -6.89 32.07
C ASP A 353 -3.36 -6.90 32.04
N ILE A 354 -4.17 -6.15 31.31
CA ILE A 354 -3.66 -4.94 30.66
C ILE A 354 -3.61 -3.78 31.65
N GLY A 355 -4.73 -3.49 32.30
CA GLY A 355 -4.75 -2.38 33.26
C GLY A 355 -4.41 -1.06 32.59
N LYS A 356 -3.65 -0.23 33.31
CA LYS A 356 -3.26 1.06 32.76
C LYS A 356 -2.13 0.94 31.75
N ARG A 357 -1.26 -0.05 31.95
CA ARG A 357 -0.11 -0.23 31.08
C ARG A 357 0.41 -1.65 31.24
N LEU A 358 0.72 -2.29 30.12
CA LEU A 358 1.32 -3.61 30.11
C LEU A 358 2.54 -3.58 29.21
N GLU A 359 3.64 -4.13 29.70
CA GLU A 359 4.85 -4.28 28.91
C GLU A 359 5.24 -5.75 28.92
N VAL A 360 5.46 -6.31 27.74
CA VAL A 360 5.85 -7.70 27.56
C VAL A 360 7.19 -7.73 26.86
N ARG A 361 8.22 -8.23 27.54
CA ARG A 361 9.56 -8.35 27.00
C ARG A 361 9.87 -9.79 26.70
N LYS A 362 10.52 -10.04 25.57
CA LYS A 362 10.87 -11.41 25.22
C LYS A 362 12.12 -11.41 24.35
N THR A 363 13.11 -12.20 24.74
CA THR A 363 14.31 -12.37 23.93
C THR A 363 14.13 -13.59 23.04
N VAL A 364 14.27 -13.39 21.72
CA VAL A 364 14.05 -14.47 20.76
C VAL A 364 15.35 -14.76 20.02
N THR A 365 15.45 -15.98 19.50
CA THR A 365 16.58 -16.37 18.67
C THR A 365 16.23 -16.36 17.18
N ALA A 366 14.97 -16.11 16.84
CA ALA A 366 14.53 -16.01 15.45
C ALA A 366 14.85 -17.30 14.68
N CYS A 367 14.51 -18.42 15.31
CA CYS A 367 14.60 -19.74 14.70
C CYS A 367 16.04 -20.14 14.40
N LEU A 368 16.97 -19.69 15.24
CA LEU A 368 18.37 -20.10 15.17
C LEU A 368 18.49 -21.61 15.03
N GLY A 369 19.35 -22.03 14.12
CA GLY A 369 19.62 -23.44 13.91
C GLY A 369 18.60 -24.17 13.08
N GLU A 370 17.57 -23.49 12.60
CA GLU A 370 16.50 -24.12 11.86
C GLU A 370 16.46 -23.56 10.44
N PRO A 371 15.81 -24.26 9.51
CA PRO A 371 15.76 -23.76 8.13
C PRO A 371 15.01 -22.45 7.97
N ASN A 372 14.21 -22.04 8.96
CA ASN A 372 13.53 -20.75 8.90
C ASN A 372 14.22 -19.68 9.73
N HIS A 373 15.49 -19.90 10.07
CA HIS A 373 16.30 -18.87 10.72
C HIS A 373 16.31 -17.59 9.91
N ILE A 374 15.99 -16.47 10.55
CA ILE A 374 15.93 -15.17 9.89
C ILE A 374 16.95 -14.24 10.54
N THR A 375 17.91 -13.78 9.74
CA THR A 375 18.80 -12.71 10.16
C THR A 375 18.51 -11.40 9.46
N ARG A 376 17.65 -11.42 8.44
CA ARG A 376 17.32 -10.25 7.61
C ARG A 376 15.80 -10.14 7.56
N LEU A 377 15.24 -9.27 8.40
CA LEU A 377 13.79 -9.15 8.52
C LEU A 377 13.19 -8.47 7.29
N GLU A 378 12.00 -8.92 6.91
CA GLU A 378 11.15 -8.14 6.01
C GLU A 378 10.00 -7.58 6.84
N HIS A 379 8.80 -8.15 6.72
CA HIS A 379 7.68 -7.75 7.57
C HIS A 379 7.78 -8.46 8.92
N ALA A 380 7.27 -7.78 9.97
CA ALA A 380 7.06 -8.43 11.25
C ALA A 380 5.61 -8.21 11.68
N GLN A 381 5.01 -9.21 12.29
CA GLN A 381 3.65 -9.12 12.78
C GLN A 381 3.62 -9.41 14.27
N ALA A 382 2.84 -8.63 15.01
CA ALA A 382 2.46 -9.00 16.36
C ALA A 382 0.99 -9.41 16.27
N ARG A 383 0.73 -10.71 16.30
CA ARG A 383 -0.64 -11.22 16.23
C ARG A 383 -1.17 -11.27 17.65
N LEU A 384 -2.15 -10.42 17.96
CA LEU A 384 -2.58 -10.18 19.32
C LEU A 384 -4.02 -10.62 19.50
N THR A 385 -4.28 -11.33 20.59
CA THR A 385 -5.64 -11.60 21.02
C THR A 385 -5.81 -10.98 22.40
N LEU A 386 -6.79 -10.09 22.54
CA LEU A 386 -7.00 -9.40 23.81
C LEU A 386 -8.45 -8.97 23.92
N SER A 387 -8.91 -8.87 25.16
CA SER A 387 -10.18 -8.25 25.48
C SER A 387 -9.92 -6.87 26.08
N TYR A 388 -10.86 -5.96 25.83
CA TYR A 388 -10.76 -4.63 26.42
C TYR A 388 -12.15 -4.00 26.37
N ASN A 389 -12.44 -3.12 27.32
CA ASN A 389 -13.79 -2.55 27.38
C ASN A 389 -14.00 -1.41 26.38
N ARG A 390 -12.97 -0.62 26.05
CA ARG A 390 -13.11 0.43 25.04
C ARG A 390 -11.87 0.41 24.14
N ARG A 391 -12.01 -0.20 22.97
CA ARG A 391 -10.84 -0.55 22.15
C ARG A 391 -10.03 0.68 21.77
N GLY A 392 -10.70 1.78 21.43
CA GLY A 392 -10.00 2.95 20.90
C GLY A 392 -9.17 3.70 21.94
N ASP A 393 -9.28 3.35 23.22
CA ASP A 393 -8.39 3.94 24.21
C ASP A 393 -7.02 3.29 24.23
N LEU A 394 -6.84 2.16 23.55
CA LEU A 394 -5.56 1.47 23.54
C LEU A 394 -4.56 2.11 22.58
N ALA A 395 -3.31 2.22 23.03
CA ALA A 395 -2.17 2.42 22.14
C ALA A 395 -1.22 1.24 22.30
N ILE A 396 -0.71 0.76 21.18
CA ILE A 396 0.14 -0.43 21.17
C ILE A 396 1.41 -0.11 20.41
N HIS A 397 2.56 -0.42 21.02
CA HIS A 397 3.86 -0.21 20.40
C HIS A 397 4.66 -1.50 20.45
N LEU A 398 5.54 -1.68 19.48
CA LEU A 398 6.41 -2.85 19.39
C LEU A 398 7.82 -2.36 19.10
N VAL A 399 8.78 -2.73 19.95
CA VAL A 399 10.16 -2.28 19.80
C VAL A 399 11.02 -3.46 19.38
N SER A 400 11.77 -3.29 18.30
CA SER A 400 12.62 -4.35 17.78
C SER A 400 13.94 -4.38 18.56
N PRO A 401 14.69 -5.49 18.46
CA PRO A 401 16.00 -5.56 19.14
C PRO A 401 16.96 -4.46 18.73
N MET A 402 16.82 -3.92 17.53
N MET A 402 16.83 -3.92 17.52
CA MET A 402 17.67 -2.81 17.09
CA MET A 402 17.68 -2.82 17.11
C MET A 402 17.17 -1.46 17.58
C MET A 402 17.12 -1.46 17.52
N GLY A 403 16.12 -1.43 18.39
CA GLY A 403 15.64 -0.20 18.98
C GLY A 403 14.57 0.54 18.20
N THR A 404 14.00 -0.06 17.17
CA THR A 404 13.02 0.63 16.32
C THR A 404 11.63 0.47 16.94
N ARG A 405 11.01 1.58 17.31
CA ARG A 405 9.71 1.58 17.95
C ARG A 405 8.64 1.75 16.86
N SER A 406 7.85 0.73 16.64
CA SER A 406 6.73 0.77 15.71
C SER A 406 5.44 1.01 16.49
N THR A 407 4.66 1.99 16.06
CA THR A 407 3.31 2.17 16.59
C THR A 407 2.40 1.19 15.87
N LEU A 408 2.03 0.11 16.55
CA LEU A 408 1.09 -0.83 15.97
C LEU A 408 -0.33 -0.29 15.99
N LEU A 409 -0.67 0.51 17.01
CA LEU A 409 -2.01 1.05 17.13
C LEU A 409 -1.93 2.35 17.92
N ALA A 410 -2.42 3.43 17.34
CA ALA A 410 -2.58 4.68 18.08
C ALA A 410 -4.03 4.78 18.56
N ALA A 411 -4.25 5.65 19.54
CA ALA A 411 -5.60 5.87 20.06
C ALA A 411 -6.56 6.20 18.93
N ARG A 412 -7.77 5.64 19.00
CA ARG A 412 -8.83 5.91 18.03
C ARG A 412 -10.03 6.41 18.80
N PRO A 413 -10.24 7.73 18.88
CA PRO A 413 -11.28 8.28 19.76
C PRO A 413 -12.68 7.75 19.50
N HIS A 414 -13.01 7.43 18.25
CA HIS A 414 -14.34 6.96 17.90
C HIS A 414 -14.55 5.46 18.11
N ASP A 415 -13.50 4.72 18.42
CA ASP A 415 -13.61 3.26 18.50
C ASP A 415 -14.05 2.90 19.90
N TYR A 416 -15.37 2.79 20.10
CA TYR A 416 -15.95 2.46 21.39
C TYR A 416 -16.06 0.95 21.61
N SER A 417 -15.61 0.14 20.67
CA SER A 417 -15.92 -1.29 20.67
C SER A 417 -15.43 -1.98 21.94
N ALA A 418 -16.25 -2.90 22.44
CA ALA A 418 -15.84 -3.79 23.51
C ALA A 418 -15.40 -5.16 22.98
N ASP A 419 -15.21 -5.29 21.66
CA ASP A 419 -14.91 -6.57 21.05
C ASP A 419 -13.42 -6.90 21.00
N GLY A 420 -12.54 -5.97 21.36
CA GLY A 420 -11.12 -6.29 21.45
C GLY A 420 -10.53 -6.66 20.10
N PHE A 421 -9.46 -7.47 20.13
CA PHE A 421 -8.80 -7.95 18.93
C PHE A 421 -8.71 -9.46 18.97
N ASN A 422 -9.12 -10.10 17.88
CA ASN A 422 -9.15 -11.57 17.83
C ASN A 422 -8.05 -12.03 16.87
N ASP A 423 -6.87 -12.29 17.43
CA ASP A 423 -5.68 -12.68 16.66
C ASP A 423 -5.46 -11.73 15.48
N TRP A 424 -5.46 -10.43 15.78
CA TRP A 424 -5.26 -9.42 14.73
C TRP A 424 -3.78 -9.23 14.47
N ALA A 425 -3.38 -9.33 13.19
CA ALA A 425 -1.96 -9.39 12.84
C ALA A 425 -1.40 -8.00 12.52
N PHE A 426 -1.23 -7.19 13.57
CA PHE A 426 -0.61 -5.87 13.40
C PHE A 426 0.75 -6.00 12.73
N MET A 427 0.98 -5.24 11.66
CA MET A 427 2.18 -5.43 10.87
C MET A 427 3.03 -4.16 10.86
N THR A 428 4.35 -4.33 10.90
CA THR A 428 5.24 -3.20 10.72
C THR A 428 6.26 -3.48 9.62
N THR A 429 6.48 -2.46 8.80
CA THR A 429 7.53 -2.43 7.78
C THR A 429 8.78 -1.73 8.28
N HIS A 430 8.74 -1.18 9.49
CA HIS A 430 9.77 -0.25 9.94
C HIS A 430 11.09 -0.93 10.34
N SER A 431 11.11 -2.25 10.47
CA SER A 431 12.32 -2.97 10.86
C SER A 431 12.89 -3.79 9.71
N TRP A 432 12.43 -3.51 8.49
CA TRP A 432 12.94 -4.13 7.28
C TRP A 432 14.47 -4.09 7.25
N ASP A 433 15.06 -5.25 6.96
CA ASP A 433 16.50 -5.52 6.87
C ASP A 433 17.21 -5.58 8.23
N GLU A 434 16.51 -5.39 9.36
CA GLU A 434 17.14 -5.55 10.67
C GLU A 434 17.33 -7.03 11.01
N ASP A 435 18.31 -7.29 11.87
CA ASP A 435 18.44 -8.62 12.48
C ASP A 435 17.40 -8.72 13.60
N PRO A 436 16.45 -9.65 13.53
CA PRO A 436 15.41 -9.73 14.57
C PRO A 436 15.76 -10.57 15.78
N SER A 437 16.99 -11.08 15.87
CA SER A 437 17.42 -11.78 17.08
C SER A 437 17.51 -10.81 18.25
N GLY A 438 17.09 -11.23 19.43
CA GLY A 438 17.24 -10.36 20.59
C GLY A 438 15.95 -9.98 21.27
N GLU A 439 15.95 -8.88 22.01
CA GLU A 439 14.81 -8.52 22.86
C GLU A 439 13.79 -7.72 22.06
N TRP A 440 12.56 -8.25 21.99
CA TRP A 440 11.41 -7.51 21.49
C TRP A 440 10.58 -7.05 22.68
N VAL A 441 9.98 -5.86 22.56
CA VAL A 441 9.17 -5.30 23.64
C VAL A 441 7.81 -4.89 23.06
N LEU A 442 6.74 -5.44 23.63
CA LEU A 442 5.37 -5.01 23.31
C LEU A 442 4.85 -4.15 24.46
N GLU A 443 4.30 -3.00 24.11
CA GLU A 443 3.70 -2.08 25.08
C GLU A 443 2.24 -1.88 24.72
N ILE A 444 1.36 -2.08 25.69
CA ILE A 444 -0.06 -1.79 25.54
C ILE A 444 -0.45 -0.84 26.65
N GLU A 445 -1.03 0.32 26.30
CA GLU A 445 -1.38 1.26 27.34
C GLU A 445 -2.75 1.86 27.12
N ASN A 446 -3.39 2.16 28.24
CA ASN A 446 -4.62 2.95 28.27
C ASN A 446 -4.24 4.42 28.13
N THR A 447 -4.66 5.05 27.03
CA THR A 447 -4.37 6.46 26.80
C THR A 447 -5.40 7.39 27.42
N SER A 448 -6.44 6.85 28.05
CA SER A 448 -7.47 7.67 28.67
C SER A 448 -7.35 7.60 30.18
N GLU A 449 -8.03 8.53 30.85
CA GLU A 449 -8.12 8.52 32.30
C GLU A 449 -9.15 7.53 32.83
N ALA A 450 -9.95 6.92 31.97
CA ALA A 450 -10.99 6.00 32.41
C ALA A 450 -10.39 4.73 32.99
N ASN A 451 -11.14 4.10 33.89
CA ASN A 451 -10.69 2.86 34.54
C ASN A 451 -11.05 1.69 33.62
N ASN A 452 -10.27 1.53 32.57
CA ASN A 452 -10.51 0.48 31.60
C ASN A 452 -9.90 -0.84 32.07
N TYR A 453 -10.29 -1.94 31.42
CA TYR A 453 -9.90 -3.25 31.89
C TYR A 453 -9.92 -4.25 30.75
N GLY A 454 -8.98 -5.19 30.79
CA GLY A 454 -8.96 -6.26 29.81
C GLY A 454 -7.73 -7.12 30.01
N THR A 455 -7.59 -8.10 29.12
CA THR A 455 -6.57 -9.13 29.25
C THR A 455 -5.96 -9.46 27.90
N LEU A 456 -4.63 -9.53 27.84
CA LEU A 456 -3.93 -10.04 26.67
C LEU A 456 -3.76 -11.54 26.82
N THR A 457 -4.39 -12.30 25.92
CA THR A 457 -4.34 -13.76 26.04
C THR A 457 -3.43 -14.43 25.02
N LYS A 458 -3.04 -13.74 23.95
CA LYS A 458 -2.10 -14.35 23.01
C LYS A 458 -1.29 -13.26 22.32
N PHE A 459 0.01 -13.51 22.18
CA PHE A 459 0.92 -12.63 21.45
C PHE A 459 1.85 -13.55 20.67
N THR A 460 1.60 -13.67 19.36
CA THR A 460 2.48 -14.40 18.46
C THR A 460 3.31 -13.38 17.69
N LEU A 461 4.62 -13.45 17.83
CA LEU A 461 5.50 -12.65 17.00
C LEU A 461 5.83 -13.47 15.76
N VAL A 462 5.43 -12.96 14.59
CA VAL A 462 5.69 -13.64 13.33
C VAL A 462 6.70 -12.82 12.55
N LEU A 463 7.86 -13.42 12.29
CA LEU A 463 8.93 -12.79 11.54
C LEU A 463 8.99 -13.40 10.15
N TYR A 464 9.09 -12.54 9.13
CA TYR A 464 9.32 -12.96 7.76
C TYR A 464 10.67 -12.41 7.30
N GLY A 465 11.37 -13.15 6.45
CA GLY A 465 12.59 -12.62 5.86
C GLY A 465 13.52 -13.75 5.42
N THR A 466 14.82 -13.45 5.42
CA THR A 466 15.82 -14.35 4.86
C THR A 466 17.02 -14.38 5.78
N ALA A 467 18.06 -15.10 5.35
CA ALA A 467 19.30 -15.16 6.13
C ALA A 467 20.51 -14.82 5.27
N SER A 468 20.33 -13.96 4.26
CA SER A 468 21.43 -13.64 3.37
C SER A 468 21.15 -12.33 2.63
N GLY A 469 22.23 -11.72 2.15
CA GLY A 469 22.14 -10.67 1.14
C GLY A 469 22.06 -9.25 1.65
N SER A 470 22.56 -8.96 2.85
CA SER A 470 22.40 -7.65 3.45
C SER A 470 23.32 -6.61 2.82
N LEU A 471 22.85 -5.36 2.84
CA LEU A 471 23.64 -4.20 2.45
C LEU A 471 24.27 -3.58 3.69
N VAL A 472 25.38 -2.87 3.48
CA VAL A 472 25.91 -2.05 4.58
C VAL A 472 24.88 -1.00 4.95
N PRO A 473 24.54 -0.85 6.24
CA PRO A 473 23.47 0.08 6.62
C PRO A 473 23.69 1.49 6.09
N ARG A 474 22.59 2.15 5.72
CA ARG A 474 22.58 3.48 5.13
C ARG A 474 23.37 4.52 5.93
N ARG B 1 -22.00 0.63 2.21
CA ARG B 1 -21.46 -0.57 1.54
C ARG B 1 -20.42 -1.11 2.34
N ARG B 2 -20.11 -2.47 2.19
CA ARG B 2 -19.04 -3.15 2.97
C ARG B 2 -17.78 -2.61 2.66
N ARG B 3 -17.53 -2.08 1.38
CA ARG B 3 -16.23 -1.46 1.00
C ARG B 3 -16.48 -0.20 0.40
N LYS B 4 -15.65 0.90 0.66
CA LYS B 4 -15.90 2.25 0.08
C LYS B 4 -14.89 2.66 -0.80
N ARG B 5 -15.21 3.53 -1.76
CA ARG B 5 -14.21 4.13 -2.66
C ARG B 5 -13.29 4.97 -1.75
#